data_1S14
#
_entry.id   1S14
#
_cell.length_a   74.900
_cell.length_b   74.900
_cell.length_c   138.200
_cell.angle_alpha   90.00
_cell.angle_beta   90.00
_cell.angle_gamma   120.00
#
_symmetry.space_group_name_H-M   'P 31 2 1'
#
loop_
_entity.id
_entity.type
_entity.pdbx_description
1 polymer 'Topoisomerase IV subunit B'
2 non-polymer NOVOBIOCIN
3 water water
#
_entity_poly.entity_id   1
_entity_poly.type   'polypeptide(L)'
_entity_poly.pdbx_seq_one_letter_code
;MTQTYNADAIEVLTGLEPVRRRPGMYTDTTRPNHLGQEVIDNSVDEALAGHAKRVDVILHADQSLEVIDDGRGMPVDIHP
EEGVPAVELILCISVVNALSKRVEVNVRRDGQVYNIAFENGEKVQDLQVVGTCGKRNTGTSVHFWPDETFFDSPRFSVSR
LTHVLKAKAVLCPGVEITFKDEINNTEQRWCYQD
;
_entity_poly.pdbx_strand_id   A,B
#
# COMPACT_ATOMS: atom_id res chain seq x y z
N THR A 27 -0.50 -31.39 2.72
CA THR A 27 -0.64 -30.24 1.79
C THR A 27 -1.77 -30.48 0.79
N ASP A 28 -2.65 -29.48 0.65
CA ASP A 28 -3.78 -29.55 -0.27
C ASP A 28 -3.31 -29.41 -1.71
N THR A 29 -3.85 -30.25 -2.60
CA THR A 29 -3.47 -30.18 -3.99
C THR A 29 -4.60 -29.74 -4.93
N THR A 30 -5.57 -29.01 -4.39
CA THR A 30 -6.68 -28.49 -5.19
C THR A 30 -6.05 -27.42 -6.09
N ARG A 31 -5.08 -26.71 -5.53
CA ARG A 31 -4.35 -25.67 -6.23
C ARG A 31 -3.07 -25.42 -5.42
N PRO A 32 -2.11 -24.70 -6.00
CA PRO A 32 -0.84 -24.44 -5.29
C PRO A 32 -0.82 -23.44 -4.13
N ASN A 33 -1.96 -22.87 -3.76
CA ASN A 33 -2.00 -21.90 -2.66
C ASN A 33 -1.33 -22.36 -1.35
N HIS A 34 -1.72 -23.53 -0.85
CA HIS A 34 -1.15 -24.03 0.40
C HIS A 34 0.35 -24.15 0.34
N LEU A 35 0.86 -24.52 -0.83
CA LEU A 35 2.30 -24.66 -1.01
C LEU A 35 2.93 -23.29 -0.82
N GLY A 36 2.34 -22.28 -1.45
CA GLY A 36 2.84 -20.93 -1.30
C GLY A 36 2.77 -20.45 0.13
N GLN A 37 1.68 -20.74 0.82
CA GLN A 37 1.54 -20.31 2.21
C GLN A 37 2.61 -20.90 3.10
N GLU A 38 3.08 -22.10 2.78
CA GLU A 38 4.12 -22.70 3.60
C GLU A 38 5.46 -21.98 3.37
N VAL A 39 5.67 -21.47 2.16
CA VAL A 39 6.89 -20.73 1.86
C VAL A 39 6.76 -19.34 2.50
N ILE A 40 5.55 -18.79 2.46
CA ILE A 40 5.32 -17.47 3.07
C ILE A 40 5.54 -17.57 4.58
N ASP A 41 5.06 -18.64 5.19
CA ASP A 41 5.24 -18.84 6.64
C ASP A 41 6.70 -18.85 7.10
N ASN A 42 7.58 -19.39 6.27
CA ASN A 42 9.00 -19.44 6.61
C ASN A 42 9.58 -18.03 6.63
N SER A 43 9.06 -17.17 5.75
CA SER A 43 9.52 -15.80 5.67
C SER A 43 8.98 -14.99 6.84
N VAL A 44 7.69 -15.20 7.14
CA VAL A 44 7.04 -14.51 8.24
C VAL A 44 7.66 -14.91 9.58
N ASP A 45 8.14 -16.14 9.68
CA ASP A 45 8.77 -16.59 10.91
C ASP A 45 9.98 -15.71 11.22
N GLU A 46 10.65 -15.23 10.17
CA GLU A 46 11.81 -14.36 10.35
C GLU A 46 11.34 -13.01 10.87
N ALA A 47 10.16 -12.56 10.41
CA ALA A 47 9.61 -11.28 10.86
C ALA A 47 9.19 -11.41 12.32
N LEU A 48 8.50 -12.49 12.64
CA LEU A 48 8.04 -12.73 14.00
C LEU A 48 9.23 -12.76 14.96
N ALA A 49 10.37 -13.27 14.49
CA ALA A 49 11.56 -13.36 15.33
C ALA A 49 12.30 -12.02 15.41
N GLY A 50 11.79 -11.01 14.71
CA GLY A 50 12.40 -9.69 14.73
C GLY A 50 13.57 -9.46 13.79
N HIS A 51 13.76 -10.33 12.81
CA HIS A 51 14.86 -10.18 11.87
C HIS A 51 14.42 -9.57 10.54
N ALA A 52 13.23 -9.94 10.10
CA ALA A 52 12.72 -9.43 8.84
C ALA A 52 11.68 -8.34 9.10
N LYS A 53 11.72 -7.28 8.28
CA LYS A 53 10.77 -6.18 8.41
C LYS A 53 9.84 -6.19 7.21
N ARG A 54 10.22 -6.92 6.16
CA ARG A 54 9.43 -6.97 4.95
C ARG A 54 9.43 -8.31 4.22
N VAL A 55 8.25 -8.70 3.74
CA VAL A 55 8.08 -9.93 2.98
C VAL A 55 7.35 -9.53 1.70
N ASP A 56 7.92 -9.90 0.57
CA ASP A 56 7.34 -9.59 -0.72
C ASP A 56 6.93 -10.88 -1.41
N VAL A 57 5.74 -10.89 -1.97
CA VAL A 57 5.22 -12.04 -2.67
C VAL A 57 4.84 -11.60 -4.08
N ILE A 58 5.37 -12.32 -5.06
CA ILE A 58 5.07 -11.97 -6.43
C ILE A 58 4.57 -13.16 -7.23
N LEU A 59 3.40 -12.99 -7.84
CA LEU A 59 2.82 -14.04 -8.67
C LEU A 59 3.23 -13.71 -10.09
N HIS A 60 4.14 -14.52 -10.64
CA HIS A 60 4.65 -14.31 -11.99
C HIS A 60 3.69 -14.71 -13.11
N ALA A 61 3.86 -14.07 -14.26
CA ALA A 61 3.01 -14.32 -15.43
C ALA A 61 2.90 -15.79 -15.80
N ASP A 62 3.94 -16.57 -15.53
CA ASP A 62 3.90 -17.99 -15.85
C ASP A 62 3.31 -18.82 -14.71
N GLN A 63 2.64 -18.14 -13.78
CA GLN A 63 2.01 -18.78 -12.62
C GLN A 63 2.99 -19.36 -11.60
N SER A 64 4.21 -18.84 -11.58
CA SER A 64 5.18 -19.28 -10.59
C SER A 64 5.07 -18.26 -9.46
N LEU A 65 5.48 -18.65 -8.26
CA LEU A 65 5.40 -17.74 -7.13
C LEU A 65 6.77 -17.47 -6.54
N GLU A 66 7.01 -16.22 -6.16
CA GLU A 66 8.28 -15.89 -5.56
C GLU A 66 8.01 -15.18 -4.24
N VAL A 67 8.72 -15.62 -3.21
CA VAL A 67 8.57 -15.07 -1.86
C VAL A 67 9.92 -14.52 -1.43
N ILE A 68 9.96 -13.24 -1.12
CA ILE A 68 11.19 -12.58 -0.72
C ILE A 68 11.08 -11.92 0.64
N ASP A 69 12.10 -12.13 1.48
CA ASP A 69 12.11 -11.52 2.79
C ASP A 69 13.49 -10.93 3.04
N ASP A 70 13.59 -10.04 4.01
CA ASP A 70 14.87 -9.43 4.34
C ASP A 70 15.33 -9.94 5.69
N GLY A 71 15.15 -11.24 5.91
CA GLY A 71 15.55 -11.86 7.16
C GLY A 71 17.06 -12.13 7.17
N ARG A 72 17.49 -13.06 8.01
CA ARG A 72 18.91 -13.39 8.12
C ARG A 72 19.47 -14.12 6.92
N GLY A 73 18.60 -14.78 6.16
CA GLY A 73 19.06 -15.51 5.00
C GLY A 73 19.30 -16.95 5.38
N MET A 74 18.72 -17.88 4.64
CA MET A 74 18.89 -19.30 4.92
C MET A 74 20.39 -19.62 4.98
N PRO A 75 20.86 -20.14 6.12
CA PRO A 75 22.29 -20.46 6.26
C PRO A 75 22.80 -21.29 5.10
N VAL A 76 24.01 -20.95 4.63
CA VAL A 76 24.61 -21.65 3.51
C VAL A 76 25.83 -22.47 3.93
N ASP A 77 26.23 -22.39 5.18
CA ASP A 77 27.37 -23.16 5.66
C ASP A 77 26.96 -24.61 5.83
N ILE A 78 27.96 -25.48 5.89
CA ILE A 78 27.73 -26.92 6.00
C ILE A 78 27.02 -27.41 7.25
N HIS A 79 26.04 -28.29 7.05
CA HIS A 79 25.33 -28.88 8.16
C HIS A 79 26.23 -30.01 8.62
N PRO A 80 26.65 -29.98 9.89
CA PRO A 80 27.54 -31.02 10.44
C PRO A 80 27.26 -32.47 10.03
N GLU A 81 26.12 -33.01 10.45
CA GLU A 81 25.78 -34.40 10.12
C GLU A 81 25.72 -34.75 8.63
N GLU A 82 24.96 -33.99 7.86
CA GLU A 82 24.80 -34.26 6.44
C GLU A 82 25.99 -33.94 5.54
N GLY A 83 26.73 -32.88 5.86
CA GLY A 83 27.89 -32.54 5.05
C GLY A 83 27.55 -31.76 3.79
N VAL A 84 26.40 -31.08 3.80
CA VAL A 84 25.99 -30.28 2.65
C VAL A 84 25.45 -28.95 3.18
N PRO A 85 25.42 -27.91 2.33
CA PRO A 85 24.91 -26.62 2.80
C PRO A 85 23.55 -26.80 3.48
N ALA A 86 23.36 -26.16 4.62
CA ALA A 86 22.10 -26.25 5.35
C ALA A 86 20.92 -25.96 4.42
N VAL A 87 21.08 -24.93 3.59
CA VAL A 87 20.04 -24.54 2.67
C VAL A 87 19.72 -25.65 1.68
N GLU A 88 20.77 -26.32 1.20
CA GLU A 88 20.57 -27.42 0.26
C GLU A 88 19.72 -28.50 0.90
N LEU A 89 20.05 -28.84 2.15
CA LEU A 89 19.34 -29.85 2.92
C LEU A 89 17.89 -29.46 3.19
N ILE A 90 17.66 -28.22 3.58
CA ILE A 90 16.32 -27.75 3.86
C ILE A 90 15.44 -27.83 2.63
N LEU A 91 15.98 -27.38 1.50
CA LEU A 91 15.23 -27.42 0.25
C LEU A 91 14.99 -28.85 -0.22
N CYS A 92 16.01 -29.69 -0.09
CA CYS A 92 15.92 -31.09 -0.52
C CYS A 92 14.73 -31.81 0.08
N ILE A 93 14.48 -31.59 1.37
CA ILE A 93 13.39 -32.23 2.07
C ILE A 93 12.11 -31.42 2.13
N SER A 94 12.13 -30.22 1.55
CA SER A 94 10.97 -29.34 1.57
C SER A 94 9.78 -29.81 0.74
N VAL A 95 8.61 -29.24 1.04
CA VAL A 95 7.41 -29.56 0.31
C VAL A 95 7.41 -28.85 -1.04
N VAL A 96 8.04 -27.68 -1.11
CA VAL A 96 8.10 -26.97 -2.39
C VAL A 96 8.84 -27.79 -3.42
N ASN A 97 9.97 -28.37 -3.01
CA ASN A 97 10.77 -29.18 -3.90
C ASN A 97 10.00 -30.42 -4.37
N ALA A 98 9.25 -31.03 -3.47
CA ALA A 98 8.46 -32.21 -3.79
C ALA A 98 7.31 -31.96 -4.75
N LEU A 99 6.68 -30.79 -4.66
CA LEU A 99 5.55 -30.48 -5.51
C LEU A 99 5.84 -29.52 -6.66
N SER A 100 7.09 -29.04 -6.75
CA SER A 100 7.44 -28.11 -7.82
C SER A 100 8.37 -28.74 -8.86
N LYS A 101 8.17 -28.38 -10.12
CA LYS A 101 9.01 -28.88 -11.19
C LYS A 101 10.32 -28.09 -11.17
N ARG A 102 10.30 -26.93 -10.51
CA ARG A 102 11.50 -26.12 -10.37
C ARG A 102 11.44 -25.18 -9.16
N VAL A 103 12.56 -25.09 -8.46
CA VAL A 103 12.68 -24.23 -7.29
C VAL A 103 14.05 -23.59 -7.34
N GLU A 104 14.08 -22.25 -7.35
CA GLU A 104 15.33 -21.51 -7.36
C GLU A 104 15.41 -20.69 -6.08
N VAL A 105 16.51 -20.83 -5.35
CA VAL A 105 16.67 -20.08 -4.12
C VAL A 105 17.90 -19.18 -4.15
N ASN A 106 17.71 -17.94 -3.73
CA ASN A 106 18.79 -16.97 -3.66
C ASN A 106 18.87 -16.46 -2.24
N VAL A 107 20.07 -16.47 -1.70
CA VAL A 107 20.31 -16.03 -0.34
C VAL A 107 21.34 -14.92 -0.27
N ARG A 108 21.02 -13.86 0.45
CA ARG A 108 21.93 -12.74 0.64
C ARG A 108 22.44 -12.88 2.08
N ARG A 109 23.72 -13.19 2.22
CA ARG A 109 24.35 -13.38 3.53
C ARG A 109 25.84 -13.02 3.51
N ASP A 110 26.30 -12.37 4.57
CA ASP A 110 27.71 -11.97 4.69
C ASP A 110 28.24 -11.25 3.45
N GLY A 111 27.43 -10.38 2.87
CA GLY A 111 27.86 -9.64 1.69
C GLY A 111 27.89 -10.45 0.41
N GLN A 112 27.46 -11.71 0.48
CA GLN A 112 27.46 -12.57 -0.70
C GLN A 112 26.05 -13.00 -1.11
N VAL A 113 25.87 -13.22 -2.41
CA VAL A 113 24.58 -13.66 -2.93
C VAL A 113 24.75 -15.10 -3.42
N TYR A 114 24.17 -16.03 -2.67
CA TYR A 114 24.25 -17.45 -3.02
C TYR A 114 23.02 -17.89 -3.80
N ASN A 115 23.23 -18.75 -4.77
CA ASN A 115 22.16 -19.27 -5.61
C ASN A 115 22.20 -20.79 -5.67
N ILE A 116 21.03 -21.41 -5.75
CA ILE A 116 20.92 -22.87 -5.83
C ILE A 116 19.57 -23.18 -6.44
N ALA A 117 19.50 -24.24 -7.25
CA ALA A 117 18.25 -24.60 -7.88
C ALA A 117 18.02 -26.09 -7.98
N PHE A 118 16.75 -26.47 -7.99
CA PHE A 118 16.32 -27.84 -8.10
C PHE A 118 15.30 -27.92 -9.23
N GLU A 119 15.20 -29.10 -9.82
CA GLU A 119 14.26 -29.33 -10.91
C GLU A 119 13.73 -30.75 -10.77
N ASN A 120 12.42 -30.90 -10.95
CA ASN A 120 11.80 -32.21 -10.83
C ASN A 120 12.21 -32.89 -9.53
N GLY A 121 12.53 -32.08 -8.53
CA GLY A 121 12.92 -32.62 -7.22
C GLY A 121 14.41 -32.87 -7.04
N GLU A 122 15.22 -32.56 -8.05
CA GLU A 122 16.66 -32.80 -7.95
C GLU A 122 17.50 -31.55 -8.10
N LYS A 123 18.55 -31.46 -7.31
CA LYS A 123 19.47 -30.32 -7.37
C LYS A 123 20.10 -30.27 -8.75
N VAL A 124 19.87 -29.19 -9.48
CA VAL A 124 20.43 -29.05 -10.82
C VAL A 124 21.47 -27.94 -10.86
N GLN A 125 21.73 -27.35 -9.71
CA GLN A 125 22.70 -26.27 -9.62
C GLN A 125 23.18 -26.13 -8.17
N ASP A 126 24.41 -26.56 -7.95
CA ASP A 126 25.04 -26.50 -6.63
C ASP A 126 25.08 -25.08 -6.10
N LEU A 127 25.12 -24.95 -4.79
CA LEU A 127 25.19 -23.64 -4.16
C LEU A 127 26.39 -22.93 -4.77
N GLN A 128 26.23 -21.66 -5.09
CA GLN A 128 27.31 -20.89 -5.69
C GLN A 128 27.12 -19.39 -5.54
N VAL A 129 28.24 -18.69 -5.37
CA VAL A 129 28.22 -17.24 -5.22
C VAL A 129 28.04 -16.60 -6.59
N VAL A 130 26.91 -15.93 -6.78
CA VAL A 130 26.61 -15.28 -8.06
C VAL A 130 26.77 -13.77 -7.99
N GLY A 131 27.16 -13.26 -6.84
CA GLY A 131 27.33 -11.82 -6.70
C GLY A 131 27.68 -11.38 -5.30
N THR A 132 27.73 -10.07 -5.11
CA THR A 132 28.05 -9.48 -3.82
C THR A 132 26.98 -8.47 -3.45
N CYS A 133 26.94 -8.08 -2.18
CA CYS A 133 25.95 -7.12 -1.73
C CYS A 133 26.41 -6.53 -0.41
N GLY A 134 25.71 -5.48 0.03
CA GLY A 134 26.07 -4.87 1.29
C GLY A 134 25.96 -5.89 2.43
N LYS A 135 26.80 -5.74 3.44
CA LYS A 135 26.80 -6.65 4.57
C LYS A 135 25.47 -6.66 5.31
N ARG A 136 24.78 -5.53 5.32
CA ARG A 136 23.50 -5.42 6.01
C ARG A 136 22.36 -5.94 5.16
N ASN A 137 22.61 -6.15 3.88
CA ASN A 137 21.58 -6.64 2.98
C ASN A 137 21.49 -8.15 3.04
N THR A 138 20.61 -8.67 3.90
CA THR A 138 20.43 -10.10 4.05
C THR A 138 19.00 -10.48 3.74
N GLY A 139 18.77 -11.76 3.47
CA GLY A 139 17.42 -12.19 3.17
C GLY A 139 17.41 -13.43 2.31
N THR A 140 16.21 -13.89 2.00
CA THR A 140 16.04 -15.08 1.18
C THR A 140 14.97 -14.89 0.15
N SER A 141 15.20 -15.48 -1.02
CA SER A 141 14.24 -15.42 -2.10
C SER A 141 13.95 -16.86 -2.55
N VAL A 142 12.68 -17.26 -2.51
CA VAL A 142 12.28 -18.59 -2.93
C VAL A 142 11.31 -18.44 -4.10
N HIS A 143 11.74 -18.91 -5.27
CA HIS A 143 10.95 -18.81 -6.49
C HIS A 143 10.63 -20.24 -6.94
N PHE A 144 9.35 -20.60 -6.97
CA PHE A 144 8.99 -21.95 -7.40
C PHE A 144 7.89 -22.05 -8.46
N TRP A 145 8.01 -23.11 -9.26
CA TRP A 145 7.08 -23.41 -10.34
C TRP A 145 6.38 -24.72 -9.99
N PRO A 146 5.14 -24.63 -9.50
CA PRO A 146 4.42 -25.86 -9.14
C PRO A 146 4.36 -26.83 -10.31
N ASP A 147 4.39 -28.13 -10.02
CA ASP A 147 4.29 -29.14 -11.07
C ASP A 147 2.79 -29.35 -11.28
N GLU A 148 2.28 -28.80 -12.38
CA GLU A 148 0.86 -28.91 -12.68
C GLU A 148 0.31 -30.34 -12.59
N THR A 149 1.15 -31.32 -12.84
CA THR A 149 0.70 -32.71 -12.80
C THR A 149 0.24 -33.17 -11.41
N PHE A 150 0.60 -32.41 -10.37
CA PHE A 150 0.22 -32.78 -9.01
C PHE A 150 -0.98 -32.03 -8.46
N PHE A 151 -1.53 -31.10 -9.22
CA PHE A 151 -2.65 -30.31 -8.74
C PHE A 151 -3.88 -30.40 -9.63
N ASP A 152 -5.05 -30.31 -9.03
CA ASP A 152 -6.29 -30.34 -9.80
C ASP A 152 -6.25 -29.15 -10.75
N SER A 153 -5.61 -28.08 -10.29
CA SER A 153 -5.47 -26.85 -11.07
C SER A 153 -4.17 -26.16 -10.69
N PRO A 154 -3.36 -25.77 -11.68
CA PRO A 154 -2.07 -25.11 -11.42
C PRO A 154 -2.21 -23.61 -11.15
N ARG A 155 -3.42 -23.09 -11.33
CA ARG A 155 -3.66 -21.67 -11.12
C ARG A 155 -3.72 -21.28 -9.66
N PHE A 156 -3.05 -20.19 -9.30
CA PHE A 156 -3.09 -19.70 -7.93
C PHE A 156 -4.39 -18.94 -7.76
N SER A 157 -5.05 -19.15 -6.63
CA SER A 157 -6.29 -18.42 -6.36
C SER A 157 -5.82 -17.12 -5.71
N VAL A 158 -5.90 -16.03 -6.47
CA VAL A 158 -5.45 -14.74 -6.00
C VAL A 158 -6.20 -14.25 -4.75
N SER A 159 -7.52 -14.30 -4.79
CA SER A 159 -8.30 -13.84 -3.66
C SER A 159 -7.86 -14.58 -2.39
N ARG A 160 -7.69 -15.90 -2.50
CA ARG A 160 -7.27 -16.68 -1.34
C ARG A 160 -5.87 -16.30 -0.87
N LEU A 161 -4.95 -16.04 -1.80
CA LEU A 161 -3.58 -15.66 -1.45
C LEU A 161 -3.56 -14.34 -0.68
N THR A 162 -4.26 -13.34 -1.21
CA THR A 162 -4.30 -12.03 -0.56
C THR A 162 -4.99 -12.08 0.80
N HIS A 163 -6.06 -12.86 0.93
CA HIS A 163 -6.77 -12.94 2.22
C HIS A 163 -5.87 -13.48 3.31
N VAL A 164 -5.14 -14.54 2.99
CA VAL A 164 -4.25 -15.15 3.96
C VAL A 164 -3.07 -14.23 4.27
N LEU A 165 -2.54 -13.57 3.23
CA LEU A 165 -1.42 -12.65 3.42
C LEU A 165 -1.80 -11.49 4.35
N LYS A 166 -2.96 -10.88 4.10
CA LYS A 166 -3.40 -9.76 4.92
C LYS A 166 -3.53 -10.18 6.38
N ALA A 167 -4.09 -11.35 6.61
CA ALA A 167 -4.26 -11.85 7.96
C ALA A 167 -2.89 -12.05 8.60
N LYS A 168 -1.94 -12.44 7.76
CA LYS A 168 -0.57 -12.67 8.19
C LYS A 168 0.07 -11.37 8.66
N ALA A 169 -0.18 -10.31 7.89
CA ALA A 169 0.34 -8.98 8.22
C ALA A 169 -0.26 -8.53 9.54
N VAL A 170 -1.56 -8.84 9.71
CA VAL A 170 -2.26 -8.49 10.94
C VAL A 170 -1.65 -9.20 12.14
N LEU A 171 -1.40 -10.49 12.00
CA LEU A 171 -0.86 -11.28 13.09
C LEU A 171 0.64 -11.12 13.36
N CYS A 172 1.31 -10.34 12.52
CA CYS A 172 2.73 -10.08 12.71
C CYS A 172 2.92 -8.57 12.59
N PRO A 173 2.45 -7.82 13.59
CA PRO A 173 2.54 -6.36 13.60
C PRO A 173 3.95 -5.84 13.35
N GLY A 174 4.06 -4.85 12.46
CA GLY A 174 5.35 -4.29 12.15
C GLY A 174 5.92 -4.73 10.81
N VAL A 175 5.56 -5.92 10.37
CA VAL A 175 6.10 -6.38 9.09
C VAL A 175 5.33 -5.78 7.92
N GLU A 176 6.05 -5.40 6.87
CA GLU A 176 5.39 -4.85 5.71
C GLU A 176 5.28 -5.98 4.71
N ILE A 177 4.06 -6.27 4.28
CA ILE A 177 3.86 -7.33 3.32
C ILE A 177 3.32 -6.76 2.02
N THR A 178 4.00 -7.08 0.93
CA THR A 178 3.55 -6.62 -0.37
C THR A 178 3.21 -7.82 -1.26
N PHE A 179 2.24 -7.62 -2.15
CA PHE A 179 1.86 -8.66 -3.08
C PHE A 179 1.74 -8.05 -4.45
N LYS A 180 2.54 -8.55 -5.38
CA LYS A 180 2.54 -8.06 -6.74
C LYS A 180 2.02 -9.17 -7.64
N ASP A 181 0.96 -8.88 -8.38
CA ASP A 181 0.34 -9.84 -9.28
C ASP A 181 0.63 -9.43 -10.72
N GLU A 182 1.54 -10.15 -11.36
CA GLU A 182 1.94 -9.86 -12.73
C GLU A 182 1.08 -10.57 -13.76
N ILE A 183 -0.01 -11.17 -13.30
CA ILE A 183 -0.95 -11.85 -14.18
C ILE A 183 -2.17 -10.94 -14.33
N ASN A 184 -2.62 -10.37 -13.23
CA ASN A 184 -3.78 -9.48 -13.24
C ASN A 184 -3.37 -8.01 -13.14
N ASN A 185 -2.06 -7.77 -13.14
CA ASN A 185 -1.49 -6.42 -13.09
C ASN A 185 -1.98 -5.54 -11.96
N THR A 186 -1.63 -5.93 -10.74
CA THR A 186 -2.00 -5.19 -9.56
C THR A 186 -0.88 -5.27 -8.52
N GLU A 187 -0.89 -4.34 -7.58
CA GLU A 187 0.10 -4.32 -6.53
C GLU A 187 -0.57 -3.79 -5.27
N GLN A 188 -0.28 -4.43 -4.15
CA GLN A 188 -0.84 -4.03 -2.87
C GLN A 188 0.21 -4.15 -1.78
N ARG A 189 0.02 -3.40 -0.71
CA ARG A 189 0.93 -3.43 0.43
C ARG A 189 0.10 -3.23 1.67
N TRP A 190 0.50 -3.91 2.74
CA TRP A 190 -0.20 -3.81 4.01
C TRP A 190 0.82 -3.79 5.14
N CYS A 191 0.49 -3.05 6.19
CA CYS A 191 1.33 -2.97 7.38
C CYS A 191 0.48 -2.59 8.57
N TYR A 192 0.48 -3.45 9.58
CA TYR A 192 -0.26 -3.23 10.80
C TYR A 192 0.78 -2.93 11.88
N GLN A 193 0.86 -1.65 12.23
CA GLN A 193 1.82 -1.13 13.21
C GLN A 193 1.79 -1.77 14.59
N ASP A 194 0.61 -2.14 15.05
CA ASP A 194 0.48 -2.75 16.37
C ASP A 194 -0.74 -3.66 16.39
N GLU B 17 -23.91 29.30 3.74
CA GLU B 17 -24.68 29.69 4.95
C GLU B 17 -25.86 28.74 5.23
N PRO B 18 -26.60 28.35 4.17
CA PRO B 18 -27.75 27.43 4.33
C PRO B 18 -27.39 25.93 4.39
N VAL B 19 -26.15 25.59 4.09
CA VAL B 19 -25.73 24.19 4.15
C VAL B 19 -25.71 23.78 5.61
N ARG B 20 -25.18 24.65 6.46
CA ARG B 20 -25.11 24.39 7.88
C ARG B 20 -26.50 24.33 8.50
N ARG B 21 -27.45 24.94 7.82
CA ARG B 21 -28.84 24.94 8.29
C ARG B 21 -29.48 23.57 8.16
N ARG B 22 -29.22 22.92 7.03
CA ARG B 22 -29.77 21.60 6.77
C ARG B 22 -28.71 20.73 6.06
N PRO B 23 -27.64 20.37 6.79
CA PRO B 23 -26.57 19.54 6.22
C PRO B 23 -27.08 18.30 5.50
N GLY B 24 -28.06 17.64 6.09
CA GLY B 24 -28.63 16.43 5.49
C GLY B 24 -29.06 16.60 4.04
N MET B 25 -29.12 17.86 3.60
CA MET B 25 -29.54 18.14 2.23
C MET B 25 -28.35 18.13 1.27
N TYR B 26 -27.15 18.19 1.83
CA TYR B 26 -25.93 18.21 1.02
C TYR B 26 -25.00 17.03 1.24
N THR B 27 -25.25 16.25 2.30
CA THR B 27 -24.42 15.11 2.59
C THR B 27 -25.15 14.10 3.46
N ASP B 28 -24.54 12.94 3.67
CA ASP B 28 -25.12 11.89 4.50
C ASP B 28 -24.72 12.23 5.93
N THR B 29 -25.69 12.52 6.78
CA THR B 29 -25.40 12.90 8.15
C THR B 29 -25.08 11.77 9.11
N THR B 30 -25.15 10.53 8.63
CA THR B 30 -24.85 9.39 9.47
C THR B 30 -23.42 9.50 10.02
N ARG B 31 -22.50 9.92 9.15
CA ARG B 31 -21.10 10.08 9.53
C ARG B 31 -20.42 10.90 8.46
N PRO B 32 -19.20 11.39 8.73
CA PRO B 32 -18.47 12.22 7.76
C PRO B 32 -17.88 11.55 6.52
N ASN B 33 -18.09 10.25 6.34
CA ASN B 33 -17.53 9.54 5.18
C ASN B 33 -17.84 10.18 3.84
N HIS B 34 -19.10 10.55 3.62
CA HIS B 34 -19.49 11.16 2.36
C HIS B 34 -18.73 12.45 2.09
N LEU B 35 -18.44 13.19 3.16
CA LEU B 35 -17.69 14.43 3.03
C LEU B 35 -16.31 14.04 2.50
N GLY B 36 -15.69 13.07 3.15
CA GLY B 36 -14.37 12.63 2.73
C GLY B 36 -14.32 12.15 1.28
N GLN B 37 -15.37 11.44 0.84
CA GLN B 37 -15.40 10.93 -0.52
C GLN B 37 -15.49 12.03 -1.55
N GLU B 38 -16.13 13.15 -1.19
CA GLU B 38 -16.22 14.28 -2.09
C GLU B 38 -14.83 14.87 -2.29
N VAL B 39 -14.07 14.97 -1.21
CA VAL B 39 -12.71 15.52 -1.27
C VAL B 39 -11.85 14.55 -2.07
N ILE B 40 -12.01 13.26 -1.79
CA ILE B 40 -11.27 12.23 -2.49
C ILE B 40 -11.54 12.29 -3.99
N ASP B 41 -12.79 12.52 -4.38
CA ASP B 41 -13.16 12.59 -5.80
C ASP B 41 -12.45 13.72 -6.52
N ASN B 42 -12.27 14.85 -5.84
CA ASN B 42 -11.58 16.00 -6.42
C ASN B 42 -10.13 15.65 -6.77
N SER B 43 -9.51 14.82 -5.95
CA SER B 43 -8.13 14.42 -6.19
C SER B 43 -8.04 13.38 -7.31
N VAL B 44 -8.94 12.40 -7.29
CA VAL B 44 -8.92 11.35 -8.30
C VAL B 44 -9.22 11.93 -9.67
N ASP B 45 -9.90 13.06 -9.68
CA ASP B 45 -10.24 13.75 -10.93
C ASP B 45 -8.93 14.19 -11.57
N GLU B 46 -7.99 14.65 -10.74
CA GLU B 46 -6.70 15.09 -11.26
C GLU B 46 -5.99 13.88 -11.85
N ALA B 47 -6.12 12.74 -11.18
CA ALA B 47 -5.50 11.49 -11.64
C ALA B 47 -6.14 11.06 -12.96
N LEU B 48 -7.46 11.05 -12.99
CA LEU B 48 -8.19 10.66 -14.19
C LEU B 48 -7.79 11.56 -15.37
N ALA B 49 -7.63 12.84 -15.08
CA ALA B 49 -7.26 13.83 -16.09
C ALA B 49 -5.79 13.69 -16.47
N GLY B 50 -5.11 12.74 -15.83
CA GLY B 50 -3.71 12.50 -16.13
C GLY B 50 -2.70 13.45 -15.52
N HIS B 51 -3.03 14.06 -14.39
CA HIS B 51 -2.11 14.99 -13.74
C HIS B 51 -1.55 14.44 -12.44
N ALA B 52 -2.34 13.62 -11.74
CA ALA B 52 -1.90 13.05 -10.49
C ALA B 52 -1.63 11.56 -10.69
N LYS B 53 -0.64 11.04 -9.96
CA LYS B 53 -0.30 9.62 -10.06
C LYS B 53 -0.49 8.98 -8.70
N ARG B 54 -0.59 9.82 -7.67
CA ARG B 54 -0.76 9.33 -6.32
C ARG B 54 -1.74 10.15 -5.50
N VAL B 55 -2.60 9.43 -4.79
CA VAL B 55 -3.59 10.05 -3.93
C VAL B 55 -3.43 9.40 -2.55
N ASP B 56 -3.10 10.21 -1.56
CA ASP B 56 -2.91 9.73 -0.20
C ASP B 56 -4.03 10.19 0.70
N VAL B 57 -4.54 9.27 1.52
CA VAL B 57 -5.60 9.58 2.46
C VAL B 57 -5.14 9.22 3.86
N ILE B 58 -5.26 10.16 4.79
CA ILE B 58 -4.84 9.92 6.15
C ILE B 58 -5.95 10.23 7.13
N LEU B 59 -6.27 9.26 7.99
CA LEU B 59 -7.28 9.48 9.01
C LEU B 59 -6.49 9.76 10.27
N HIS B 60 -6.37 11.04 10.62
CA HIS B 60 -5.62 11.45 11.80
C HIS B 60 -6.25 10.99 13.10
N ALA B 61 -5.43 10.95 14.15
CA ALA B 61 -5.83 10.50 15.47
C ALA B 61 -7.05 11.21 16.07
N ASP B 62 -7.26 12.47 15.71
CA ASP B 62 -8.39 13.22 16.24
C ASP B 62 -9.64 13.13 15.36
N GLN B 63 -9.67 12.10 14.51
CA GLN B 63 -10.78 11.85 13.59
C GLN B 63 -10.91 12.89 12.49
N SER B 64 -9.82 13.57 12.17
CA SER B 64 -9.85 14.53 11.09
C SER B 64 -9.36 13.77 9.87
N LEU B 65 -9.67 14.25 8.67
CA LEU B 65 -9.24 13.55 7.47
C LEU B 65 -8.43 14.41 6.52
N GLU B 66 -7.31 13.88 6.08
CA GLU B 66 -6.46 14.60 5.15
C GLU B 66 -6.38 13.84 3.84
N VAL B 67 -6.52 14.56 2.74
CA VAL B 67 -6.46 13.96 1.42
C VAL B 67 -5.40 14.72 0.64
N ILE B 68 -4.35 14.00 0.25
CA ILE B 68 -3.25 14.61 -0.49
C ILE B 68 -3.08 14.02 -1.88
N ASP B 69 -2.84 14.88 -2.86
CA ASP B 69 -2.62 14.43 -4.22
C ASP B 69 -1.41 15.14 -4.79
N ASP B 70 -0.87 14.60 -5.87
CA ASP B 70 0.28 15.21 -6.53
C ASP B 70 -0.21 15.75 -7.86
N GLY B 71 -1.42 16.32 -7.85
CA GLY B 71 -2.00 16.89 -9.05
C GLY B 71 -1.37 18.22 -9.44
N ARG B 72 -2.16 19.08 -10.07
CA ARG B 72 -1.67 20.39 -10.50
C ARG B 72 -1.63 21.40 -9.36
N GLY B 73 -2.41 21.14 -8.32
CA GLY B 73 -2.47 22.07 -7.21
C GLY B 73 -3.56 23.11 -7.49
N MET B 74 -4.49 23.25 -6.56
CA MET B 74 -5.59 24.21 -6.73
C MET B 74 -5.06 25.61 -7.02
N PRO B 75 -5.41 26.17 -8.18
CA PRO B 75 -4.98 27.52 -8.57
C PRO B 75 -5.10 28.54 -7.43
N VAL B 76 -4.09 29.38 -7.28
CA VAL B 76 -4.08 30.37 -6.21
C VAL B 76 -4.07 31.83 -6.68
N ASP B 77 -3.90 32.05 -7.98
CA ASP B 77 -3.87 33.41 -8.52
C ASP B 77 -5.21 34.12 -8.30
N ILE B 78 -5.17 35.45 -8.25
CA ILE B 78 -6.38 36.23 -8.06
C ILE B 78 -7.25 36.29 -9.31
N HIS B 79 -8.56 36.20 -9.12
CA HIS B 79 -9.50 36.26 -10.22
C HIS B 79 -9.82 37.72 -10.49
N PRO B 80 -9.77 38.15 -11.75
CA PRO B 80 -10.08 39.54 -12.11
C PRO B 80 -11.29 40.10 -11.37
N GLU B 81 -12.47 39.61 -11.74
CA GLU B 81 -13.71 40.06 -11.12
C GLU B 81 -13.75 39.74 -9.63
N GLU B 82 -13.75 38.46 -9.31
CA GLU B 82 -13.81 38.00 -7.92
C GLU B 82 -12.99 38.86 -6.96
N GLY B 83 -11.67 38.84 -7.11
CA GLY B 83 -10.81 39.62 -6.24
C GLY B 83 -9.97 38.75 -5.30
N VAL B 84 -10.52 37.61 -4.90
CA VAL B 84 -9.83 36.70 -4.01
C VAL B 84 -9.18 35.57 -4.82
N PRO B 85 -8.21 34.86 -4.22
CA PRO B 85 -7.54 33.76 -4.92
C PRO B 85 -8.51 32.66 -5.33
N ALA B 86 -8.29 32.06 -6.49
CA ALA B 86 -9.14 31.01 -7.00
C ALA B 86 -9.38 29.87 -6.01
N VAL B 87 -8.37 29.57 -5.19
CA VAL B 87 -8.50 28.50 -4.20
C VAL B 87 -9.48 28.90 -3.10
N GLU B 88 -9.48 30.18 -2.75
CA GLU B 88 -10.37 30.68 -1.72
C GLU B 88 -11.81 30.64 -2.21
N LEU B 89 -12.01 30.89 -3.50
CA LEU B 89 -13.35 30.88 -4.08
C LEU B 89 -13.93 29.47 -3.98
N ILE B 90 -13.15 28.47 -4.41
CA ILE B 90 -13.56 27.08 -4.37
C ILE B 90 -13.97 26.66 -2.96
N LEU B 91 -13.18 27.06 -1.98
CA LEU B 91 -13.45 26.70 -0.59
C LEU B 91 -14.71 27.37 -0.04
N CYS B 92 -14.99 28.59 -0.50
CA CYS B 92 -16.16 29.34 -0.05
C CYS B 92 -17.50 28.68 -0.37
N ILE B 93 -17.54 27.93 -1.47
CA ILE B 93 -18.78 27.25 -1.86
C ILE B 93 -18.70 25.75 -1.65
N SER B 94 -17.76 25.33 -0.82
CA SER B 94 -17.57 23.92 -0.54
C SER B 94 -18.39 23.45 0.66
N VAL B 95 -19.03 22.29 0.52
CA VAL B 95 -19.82 21.73 1.60
C VAL B 95 -18.91 21.26 2.72
N VAL B 96 -17.74 20.74 2.35
CA VAL B 96 -16.80 20.27 3.37
C VAL B 96 -16.39 21.42 4.27
N ASN B 97 -16.20 22.59 3.67
CA ASN B 97 -15.82 23.77 4.42
C ASN B 97 -16.98 24.18 5.34
N ALA B 98 -18.20 24.12 4.84
CA ALA B 98 -19.38 24.48 5.61
C ALA B 98 -19.67 23.55 6.79
N LEU B 99 -19.37 22.27 6.64
CA LEU B 99 -19.64 21.31 7.70
C LEU B 99 -18.44 20.96 8.58
N SER B 100 -17.33 21.70 8.41
CA SER B 100 -16.14 21.43 9.20
C SER B 100 -15.83 22.52 10.21
N LYS B 101 -15.36 22.11 11.39
CA LYS B 101 -14.98 23.06 12.43
C LYS B 101 -13.75 23.79 11.92
N ARG B 102 -12.99 23.10 11.07
CA ARG B 102 -11.77 23.65 10.50
C ARG B 102 -11.38 22.95 9.23
N VAL B 103 -10.76 23.70 8.33
CA VAL B 103 -10.29 23.16 7.07
C VAL B 103 -8.99 23.86 6.73
N GLU B 104 -7.96 23.07 6.50
CA GLU B 104 -6.64 23.58 6.17
C GLU B 104 -6.29 23.11 4.76
N VAL B 105 -5.88 24.04 3.91
CA VAL B 105 -5.50 23.68 2.55
C VAL B 105 -4.10 24.17 2.24
N ASN B 106 -3.27 23.26 1.75
CA ASN B 106 -1.91 23.58 1.38
C ASN B 106 -1.72 23.20 -0.08
N VAL B 107 -1.22 24.15 -0.86
CA VAL B 107 -1.03 23.91 -2.28
C VAL B 107 0.42 24.09 -2.70
N ARG B 108 0.89 23.17 -3.53
CA ARG B 108 2.25 23.23 -4.05
C ARG B 108 2.11 23.60 -5.52
N ARG B 109 2.41 24.85 -5.84
CA ARG B 109 2.31 25.35 -7.20
C ARG B 109 3.54 26.17 -7.58
N ASP B 110 4.04 25.95 -8.79
CA ASP B 110 5.21 26.64 -9.31
C ASP B 110 6.33 26.88 -8.30
N GLY B 111 6.75 25.82 -7.62
CA GLY B 111 7.83 25.93 -6.66
C GLY B 111 7.50 26.63 -5.35
N GLN B 112 6.23 26.92 -5.12
CA GLN B 112 5.83 27.59 -3.89
C GLN B 112 4.77 26.78 -3.16
N VAL B 113 4.75 26.91 -1.84
CA VAL B 113 3.78 26.21 -1.01
C VAL B 113 2.85 27.25 -0.38
N TYR B 114 1.57 27.19 -0.73
CA TYR B 114 0.58 28.11 -0.22
C TYR B 114 -0.32 27.46 0.82
N ASN B 115 -0.69 28.22 1.83
CA ASN B 115 -1.54 27.74 2.90
C ASN B 115 -2.72 28.67 3.11
N ILE B 116 -3.86 28.09 3.47
CA ILE B 116 -5.09 28.84 3.75
C ILE B 116 -5.95 28.02 4.70
N ALA B 117 -6.71 28.69 5.57
CA ALA B 117 -7.51 27.95 6.52
C ALA B 117 -8.88 28.56 6.84
N PHE B 118 -9.82 27.68 7.13
CA PHE B 118 -11.19 28.09 7.47
C PHE B 118 -11.59 27.43 8.78
N GLU B 119 -12.63 27.99 9.41
CA GLU B 119 -13.15 27.46 10.67
C GLU B 119 -14.63 27.80 10.77
N ASN B 120 -15.47 26.76 10.78
CA ASN B 120 -16.92 26.93 10.85
C ASN B 120 -17.46 27.56 9.57
N GLY B 121 -16.73 27.37 8.47
CA GLY B 121 -17.16 27.92 7.19
C GLY B 121 -16.66 29.31 6.90
N GLU B 122 -15.88 29.88 7.81
CA GLU B 122 -15.34 31.22 7.63
C GLU B 122 -13.81 31.18 7.58
N LYS B 123 -13.23 31.98 6.68
CA LYS B 123 -11.79 32.05 6.54
C LYS B 123 -11.15 32.66 7.79
N VAL B 124 -10.10 32.01 8.30
CA VAL B 124 -9.42 32.51 9.49
C VAL B 124 -7.95 32.75 9.19
N GLN B 125 -7.54 32.47 7.96
CA GLN B 125 -6.16 32.67 7.53
C GLN B 125 -6.12 32.90 6.04
N ASP B 126 -5.67 34.08 5.63
CA ASP B 126 -5.57 34.43 4.21
C ASP B 126 -4.50 33.60 3.53
N LEU B 127 -4.62 33.44 2.22
CA LEU B 127 -3.64 32.69 1.46
C LEU B 127 -2.27 33.30 1.75
N GLN B 128 -1.27 32.44 1.94
CA GLN B 128 0.07 32.91 2.24
C GLN B 128 1.13 31.88 1.90
N VAL B 129 2.26 32.34 1.38
CA VAL B 129 3.34 31.44 1.03
C VAL B 129 4.03 31.02 2.32
N VAL B 130 4.10 29.72 2.56
CA VAL B 130 4.74 29.23 3.79
C VAL B 130 6.08 28.57 3.52
N GLY B 131 6.48 28.54 2.26
CA GLY B 131 7.75 27.95 1.92
C GLY B 131 7.89 27.63 0.45
N THR B 132 9.03 27.05 0.08
CA THR B 132 9.32 26.69 -1.29
C THR B 132 9.28 25.17 -1.41
N CYS B 133 9.27 24.67 -2.64
CA CYS B 133 9.25 23.24 -2.90
C CYS B 133 9.79 23.01 -4.29
N GLY B 134 10.16 21.77 -4.58
CA GLY B 134 10.68 21.48 -5.91
C GLY B 134 9.69 21.97 -6.95
N LYS B 135 10.21 22.42 -8.08
CA LYS B 135 9.38 22.92 -9.18
C LYS B 135 8.37 21.89 -9.65
N ARG B 136 8.82 20.65 -9.82
CA ARG B 136 7.95 19.57 -10.29
C ARG B 136 7.12 18.93 -9.19
N ASN B 137 7.26 19.44 -7.97
CA ASN B 137 6.50 18.91 -6.85
C ASN B 137 5.25 19.77 -6.76
N THR B 138 4.16 19.27 -7.34
CA THR B 138 2.90 20.01 -7.33
C THR B 138 1.77 19.15 -6.77
N GLY B 139 0.79 19.80 -6.15
CA GLY B 139 -0.33 19.05 -5.59
C GLY B 139 -1.13 19.82 -4.56
N THR B 140 -2.13 19.16 -4.00
CA THR B 140 -3.00 19.77 -3.01
C THR B 140 -3.24 18.85 -1.83
N SER B 141 -3.37 19.45 -0.65
CA SER B 141 -3.66 18.72 0.56
C SER B 141 -4.85 19.36 1.26
N VAL B 142 -5.93 18.62 1.37
CA VAL B 142 -7.13 19.11 2.04
C VAL B 142 -7.24 18.35 3.34
N HIS B 143 -7.21 19.09 4.44
CA HIS B 143 -7.30 18.51 5.78
C HIS B 143 -8.50 19.16 6.46
N PHE B 144 -9.47 18.36 6.86
CA PHE B 144 -10.64 18.93 7.52
C PHE B 144 -11.07 18.17 8.76
N TRP B 145 -11.67 18.93 9.68
CA TRP B 145 -12.16 18.42 10.95
C TRP B 145 -13.68 18.54 10.95
N PRO B 146 -14.39 17.46 10.64
CA PRO B 146 -15.86 17.54 10.63
C PRO B 146 -16.43 18.05 11.95
N ASP B 147 -17.51 18.83 11.88
CA ASP B 147 -18.14 19.33 13.11
C ASP B 147 -19.14 18.28 13.55
N GLU B 148 -18.85 17.63 14.68
CA GLU B 148 -19.70 16.57 15.20
C GLU B 148 -21.15 16.95 15.41
N THR B 149 -21.44 18.25 15.38
CA THR B 149 -22.81 18.70 15.59
C THR B 149 -23.70 18.40 14.39
N PHE B 150 -23.10 18.26 13.21
CA PHE B 150 -23.85 17.98 11.99
C PHE B 150 -23.94 16.49 11.65
N PHE B 151 -23.39 15.62 12.48
CA PHE B 151 -23.39 14.19 12.19
C PHE B 151 -23.85 13.32 13.35
N ASP B 152 -24.57 12.23 13.04
CA ASP B 152 -25.04 11.32 14.08
C ASP B 152 -23.81 10.82 14.83
N SER B 153 -22.72 10.68 14.09
CA SER B 153 -21.46 10.24 14.64
C SER B 153 -20.32 10.93 13.93
N PRO B 154 -19.33 11.42 14.67
CA PRO B 154 -18.19 12.10 14.06
C PRO B 154 -17.13 11.09 13.59
N ARG B 155 -17.32 9.83 13.96
CA ARG B 155 -16.37 8.78 13.59
C ARG B 155 -16.43 8.39 12.13
N PHE B 156 -15.26 8.31 11.48
CA PHE B 156 -15.23 7.90 10.08
C PHE B 156 -15.35 6.39 10.11
N SER B 157 -16.10 5.82 9.17
CA SER B 157 -16.20 4.37 9.11
C SER B 157 -15.00 3.95 8.26
N VAL B 158 -14.03 3.30 8.90
CA VAL B 158 -12.81 2.88 8.23
C VAL B 158 -13.05 1.90 7.08
N SER B 159 -13.81 0.85 7.35
CA SER B 159 -14.08 -0.14 6.33
C SER B 159 -14.74 0.50 5.11
N ARG B 160 -15.72 1.36 5.35
CA ARG B 160 -16.42 2.02 4.26
C ARG B 160 -15.45 2.93 3.49
N LEU B 161 -14.55 3.56 4.23
CA LEU B 161 -13.57 4.43 3.60
C LEU B 161 -12.71 3.63 2.64
N THR B 162 -12.14 2.53 3.14
CA THR B 162 -11.27 1.70 2.31
C THR B 162 -11.95 0.99 1.14
N HIS B 163 -13.17 0.52 1.33
CA HIS B 163 -13.88 -0.15 0.24
C HIS B 163 -14.06 0.80 -0.94
N VAL B 164 -14.46 2.03 -0.66
CA VAL B 164 -14.65 3.02 -1.69
C VAL B 164 -13.32 3.42 -2.31
N LEU B 165 -12.30 3.60 -1.46
CA LEU B 165 -10.99 3.95 -1.96
C LEU B 165 -10.46 2.87 -2.90
N LYS B 166 -10.66 1.61 -2.53
CA LYS B 166 -10.18 0.49 -3.33
C LYS B 166 -10.84 0.46 -4.70
N ALA B 167 -12.16 0.69 -4.71
CA ALA B 167 -12.92 0.69 -5.96
C ALA B 167 -12.49 1.85 -6.85
N LYS B 168 -12.14 2.98 -6.23
CA LYS B 168 -11.70 4.13 -7.00
C LYS B 168 -10.34 3.83 -7.64
N ALA B 169 -9.50 3.08 -6.93
CA ALA B 169 -8.20 2.71 -7.48
C ALA B 169 -8.44 1.81 -8.69
N VAL B 170 -9.38 0.87 -8.55
CA VAL B 170 -9.70 -0.05 -9.64
C VAL B 170 -10.19 0.72 -10.85
N LEU B 171 -11.04 1.71 -10.61
CA LEU B 171 -11.62 2.51 -11.67
C LEU B 171 -10.73 3.60 -12.26
N CYS B 172 -9.54 3.78 -11.71
CA CYS B 172 -8.61 4.79 -12.24
C CYS B 172 -7.25 4.11 -12.33
N PRO B 173 -7.11 3.14 -13.26
CA PRO B 173 -5.87 2.39 -13.46
C PRO B 173 -4.63 3.26 -13.54
N GLY B 174 -3.60 2.85 -12.81
CA GLY B 174 -2.36 3.60 -12.80
C GLY B 174 -2.17 4.43 -11.55
N VAL B 175 -3.25 4.93 -10.96
CA VAL B 175 -3.12 5.75 -9.77
C VAL B 175 -2.79 4.91 -8.54
N GLU B 176 -1.82 5.35 -7.75
CA GLU B 176 -1.43 4.65 -6.54
C GLU B 176 -2.19 5.32 -5.40
N ILE B 177 -2.98 4.55 -4.66
CA ILE B 177 -3.74 5.12 -3.56
C ILE B 177 -3.28 4.51 -2.26
N THR B 178 -3.02 5.36 -1.28
CA THR B 178 -2.61 4.90 0.02
C THR B 178 -3.59 5.42 1.05
N PHE B 179 -3.71 4.64 2.13
CA PHE B 179 -4.59 5.00 3.22
C PHE B 179 -3.82 4.70 4.49
N LYS B 180 -3.60 5.74 5.28
CA LYS B 180 -2.89 5.61 6.53
C LYS B 180 -3.89 5.92 7.63
N ASP B 181 -4.06 4.98 8.56
CA ASP B 181 -5.00 5.15 9.66
C ASP B 181 -4.24 5.32 10.97
N GLU B 182 -4.23 6.55 11.48
CA GLU B 182 -3.52 6.86 12.70
C GLU B 182 -4.34 6.61 13.96
N ILE B 183 -5.51 6.00 13.78
CA ILE B 183 -6.38 5.69 14.89
C ILE B 183 -6.24 4.21 15.19
N ASN B 184 -6.20 3.40 14.13
CA ASN B 184 -6.06 1.96 14.30
C ASN B 184 -4.65 1.49 14.00
N ASN B 185 -3.77 2.44 13.68
CA ASN B 185 -2.37 2.15 13.40
C ASN B 185 -2.13 1.18 12.25
N THR B 186 -2.61 1.53 11.07
CA THR B 186 -2.46 0.67 9.90
C THR B 186 -2.11 1.51 8.68
N GLU B 187 -1.53 0.84 7.68
CA GLU B 187 -1.15 1.52 6.45
C GLU B 187 -1.35 0.54 5.30
N GLN B 188 -1.96 1.01 4.22
CA GLN B 188 -2.22 0.17 3.06
C GLN B 188 -2.10 0.97 1.78
N ARG B 189 -1.70 0.29 0.70
CA ARG B 189 -1.56 0.92 -0.61
C ARG B 189 -2.08 -0.02 -1.68
N TRP B 190 -2.67 0.56 -2.72
CA TRP B 190 -3.24 -0.20 -3.82
C TRP B 190 -2.93 0.48 -5.14
N CYS B 191 -2.69 -0.33 -6.17
CA CYS B 191 -2.46 0.19 -7.51
C CYS B 191 -2.78 -0.85 -8.57
N TYR B 192 -3.76 -0.53 -9.40
CA TYR B 192 -4.20 -1.40 -10.48
C TYR B 192 -3.67 -0.80 -11.78
N GLN B 193 -2.60 -1.39 -12.31
CA GLN B 193 -1.95 -0.92 -13.53
C GLN B 193 -2.83 -0.85 -14.77
N ASP B 194 -3.88 -1.65 -14.82
CA ASP B 194 -4.79 -1.64 -15.95
C ASP B 194 -6.14 -2.16 -15.52
#